data_7F15
#
_entry.id   7F15
#
_cell.length_a   74.995
_cell.length_b   74.995
_cell.length_c   213.113
_cell.angle_alpha   90.000
_cell.angle_beta   90.000
_cell.angle_gamma   120.000
#
_symmetry.space_group_name_H-M   'P 31 2 1'
#
loop_
_entity.id
_entity.type
_entity.pdbx_description
1 polymer 'Spike protein S1'
2 polymer Antibody
3 non-polymer 2-acetamido-2-deoxy-beta-D-glucopyranose
#
loop_
_entity_poly.entity_id
_entity_poly.type
_entity_poly.pdbx_seq_one_letter_code
_entity_poly.pdbx_strand_id
1 'polypeptide(L)'
;NLCPFGEVFNATRFASVYAWNRKRISNCVADYSVLYNSASFSTFKCYGVSPTKLNDLCFTNVYADSFVIRGDEVRQIAPG
QTGKIADYNYKLPDDFTGCVIAWNSNNLDSKVGGNYNYLYRLFRKSNLKPFERDISTEIYQAGSTPCNGVEGFNCYFPLQ
SYGFQPTNGVGYQPYRVVVLSFELLHAPATVCGPKKSGLNDIFEAQKIEWHEAAAHHHHHHHH
;
A
2 'polypeptide(L)'
;QVQLVQSGAEVKKPGASVKISCKTSGYTFTEYTMYWVRQAPGQRLEWMGGINPNQGDTSYNQKFKGRATLTVDKSATTAY
MELSSLRSEDTAVYYCARDGYPYYFAMDYWGQGTTVTVSSGGGGSGGGGSGGGGSDIQMTQSPSSLSASVGDRVTITCKA
SQNVDTNVAWYQQKPGKAPKGLIYSASSRYSGVPSRFSGSGSGTDFTLTISSVQPEDLATYFCQQYNTYPWTFGQGTKVE
IKAAAHHHHHHHH
;
B
#
# COMPACT_ATOMS: atom_id res chain seq x y z
N ASN A 1 -32.65 32.17 -24.01
CA ASN A 1 -31.74 31.26 -24.76
C ASN A 1 -31.26 30.01 -23.98
N LEU A 2 -31.42 28.84 -24.59
CA LEU A 2 -31.16 27.58 -23.88
C LEU A 2 -29.68 27.30 -23.75
N CYS A 3 -29.33 26.47 -22.74
CA CYS A 3 -27.93 26.25 -22.38
C CYS A 3 -27.22 25.47 -23.48
N PRO A 4 -25.98 25.84 -23.82
CA PRO A 4 -25.18 25.13 -24.84
C PRO A 4 -24.61 23.80 -24.37
N PHE A 5 -25.48 22.81 -24.18
CA PHE A 5 -25.06 21.55 -23.59
C PHE A 5 -24.50 20.56 -24.60
N GLY A 6 -24.80 20.73 -25.88
CA GLY A 6 -24.26 19.80 -26.86
C GLY A 6 -22.74 19.83 -26.92
N GLU A 7 -22.14 21.01 -26.74
CA GLU A 7 -20.69 21.10 -26.76
C GLU A 7 -20.05 20.12 -25.78
N VAL A 8 -20.65 19.96 -24.60
CA VAL A 8 -20.19 18.98 -23.64
C VAL A 8 -20.81 17.59 -23.89
N PHE A 9 -22.10 17.51 -24.21
CA PHE A 9 -22.75 16.21 -24.34
C PHE A 9 -22.38 15.49 -25.62
N ASN A 10 -22.21 16.21 -26.71
CA ASN A 10 -21.99 15.60 -28.01
C ASN A 10 -20.53 15.67 -28.45
N ALA A 11 -19.65 16.25 -27.62
CA ALA A 11 -18.23 16.34 -27.95
C ALA A 11 -17.67 14.99 -28.41
N THR A 12 -16.75 15.03 -29.38
CA THR A 12 -16.27 13.79 -30.00
C THR A 12 -15.37 12.97 -29.06
N ARG A 13 -14.48 13.61 -28.30
CA ARG A 13 -13.69 12.88 -27.29
C ARG A 13 -13.95 13.41 -25.88
N PHE A 14 -13.97 12.48 -24.92
CA PHE A 14 -14.20 12.78 -23.51
C PHE A 14 -12.90 12.58 -22.73
N ALA A 15 -12.79 13.27 -21.60
CA ALA A 15 -11.60 13.14 -20.77
C ALA A 15 -11.56 11.79 -20.05
N SER A 16 -10.35 11.35 -19.70
CA SER A 16 -10.20 10.30 -18.71
C SER A 16 -10.68 10.80 -17.36
N VAL A 17 -11.25 9.89 -16.57
CA VAL A 17 -11.90 10.31 -15.33
C VAL A 17 -10.91 10.98 -14.38
N TYR A 18 -9.68 10.49 -14.31
CA TYR A 18 -8.70 11.07 -13.39
C TYR A 18 -8.40 12.52 -13.75
N ALA A 19 -8.48 12.84 -15.05
CA ALA A 19 -8.25 14.19 -15.54
C ALA A 19 -9.55 14.75 -16.10
N TRP A 20 -10.63 14.60 -15.33
CA TRP A 20 -11.96 14.94 -15.80
C TRP A 20 -12.02 16.38 -16.27
N ASN A 21 -13.01 16.67 -17.11
CA ASN A 21 -13.00 17.88 -17.89
C ASN A 21 -14.18 18.76 -17.47
N ARG A 22 -13.98 20.07 -17.54
CA ARG A 22 -14.80 21.06 -16.82
C ARG A 22 -15.13 22.20 -17.79
N LYS A 23 -16.43 22.40 -18.00
CA LYS A 23 -16.89 23.51 -18.84
C LYS A 23 -17.73 24.45 -17.99
N ARG A 24 -17.43 25.73 -18.03
CA ARG A 24 -18.30 26.69 -17.36
C ARG A 24 -19.30 27.23 -18.36
N ILE A 25 -20.57 27.05 -18.07
CA ILE A 25 -21.65 27.54 -18.91
C ILE A 25 -22.47 28.49 -18.07
N SER A 26 -22.76 29.68 -18.61
CA SER A 26 -23.41 30.68 -17.79
C SER A 26 -24.48 31.42 -18.58
N ASN A 27 -25.42 32.01 -17.81
CA ASN A 27 -26.47 32.90 -18.30
C ASN A 27 -27.35 32.17 -19.32
N CYS A 28 -27.91 31.06 -18.90
CA CYS A 28 -28.71 30.28 -19.82
C CYS A 28 -29.77 29.55 -19.04
N VAL A 29 -30.56 28.77 -19.77
CA VAL A 29 -31.76 28.13 -19.28
C VAL A 29 -31.55 26.63 -19.36
N ALA A 30 -31.62 25.97 -18.21
CA ALA A 30 -31.52 24.51 -18.14
C ALA A 30 -32.93 23.95 -18.09
N ASP A 31 -33.29 23.15 -19.08
CA ASP A 31 -34.64 22.63 -19.18
C ASP A 31 -34.59 21.11 -19.19
N TYR A 32 -35.20 20.51 -18.17
CA TYR A 32 -35.17 19.07 -18.00
C TYR A 32 -35.72 18.33 -19.22
N SER A 33 -36.86 18.79 -19.76
CA SER A 33 -37.54 18.09 -20.84
C SER A 33 -36.63 17.95 -22.08
N VAL A 34 -36.13 19.08 -22.56
CA VAL A 34 -35.28 19.09 -23.75
C VAL A 34 -34.05 18.22 -23.56
N LEU A 35 -33.49 18.25 -22.35
CA LEU A 35 -32.23 17.55 -22.08
C LEU A 35 -32.44 16.05 -22.01
N TYR A 36 -33.41 15.59 -21.20
CA TYR A 36 -33.67 14.17 -21.02
C TYR A 36 -34.05 13.48 -22.34
N ASN A 37 -34.85 14.12 -23.16
CA ASN A 37 -35.36 13.46 -24.36
C ASN A 37 -34.42 13.64 -25.55
N SER A 38 -33.21 14.14 -25.32
CA SER A 38 -32.20 14.31 -26.37
C SER A 38 -31.44 13.02 -26.69
N ALA A 39 -31.55 11.98 -25.87
CA ALA A 39 -30.86 10.72 -26.14
C ALA A 39 -31.37 9.65 -25.16
N SER A 40 -30.78 8.46 -25.26
CA SER A 40 -31.16 7.30 -24.45
C SER A 40 -30.15 7.16 -23.29
N PHE A 41 -30.39 7.93 -22.24
CA PHE A 41 -29.54 7.87 -21.05
C PHE A 41 -29.88 6.65 -20.18
N SER A 42 -28.83 5.97 -19.70
CA SER A 42 -28.99 4.85 -18.78
C SER A 42 -29.04 5.29 -17.32
N THR A 43 -28.52 6.47 -17.00
CA THR A 43 -28.63 7.04 -15.67
C THR A 43 -28.94 8.51 -15.83
N PHE A 44 -29.97 9.01 -15.13
CA PHE A 44 -30.19 10.44 -15.08
C PHE A 44 -30.90 10.73 -13.78
N LYS A 45 -30.18 11.38 -12.86
CA LYS A 45 -30.61 11.51 -11.47
C LYS A 45 -30.17 12.90 -10.99
N CYS A 46 -31.05 13.59 -10.28
CA CYS A 46 -30.75 14.93 -9.79
C CYS A 46 -30.80 14.96 -8.28
N TYR A 47 -30.01 15.85 -7.69
CA TYR A 47 -29.76 15.90 -6.26
C TYR A 47 -29.87 17.35 -5.82
N GLY A 48 -30.71 17.59 -4.82
CA GLY A 48 -30.89 18.93 -4.29
C GLY A 48 -31.72 19.85 -5.16
N VAL A 49 -32.17 19.37 -6.30
CA VAL A 49 -33.02 20.13 -7.21
C VAL A 49 -34.13 19.19 -7.67
N SER A 50 -35.26 19.79 -8.03
CA SER A 50 -36.33 19.00 -8.62
C SER A 50 -36.14 18.96 -10.13
N PRO A 51 -36.06 17.76 -10.77
CA PRO A 51 -35.92 17.68 -12.23
C PRO A 51 -36.89 18.55 -13.00
N THR A 52 -38.20 18.36 -12.78
CA THR A 52 -39.25 19.24 -13.29
C THR A 52 -38.90 20.73 -13.21
N LYS A 53 -38.18 21.13 -12.17
CA LYS A 53 -37.96 22.54 -11.88
C LYS A 53 -36.57 23.04 -12.25
N LEU A 54 -35.85 22.37 -13.16
CA LEU A 54 -34.58 22.94 -13.62
C LEU A 54 -34.76 24.32 -14.27
N ASN A 55 -35.85 24.51 -15.03
CA ASN A 55 -36.09 25.80 -15.65
C ASN A 55 -36.17 26.92 -14.62
N ASP A 56 -36.64 26.58 -13.42
CA ASP A 56 -36.86 27.54 -12.34
C ASP A 56 -35.60 27.79 -11.50
N LEU A 57 -34.53 27.01 -11.68
CA LEU A 57 -33.27 27.26 -10.99
C LEU A 57 -32.73 28.65 -11.30
N CYS A 58 -32.09 29.26 -10.28
CA CYS A 58 -31.60 30.64 -10.35
C CYS A 58 -30.10 30.56 -10.05
N PHE A 59 -29.28 30.63 -11.10
CA PHE A 59 -27.86 30.34 -10.99
C PHE A 59 -27.08 31.29 -11.89
N THR A 60 -25.88 31.67 -11.41
CA THR A 60 -24.95 32.39 -12.28
C THR A 60 -24.31 31.44 -13.29
N ASN A 61 -23.65 30.40 -12.78
CA ASN A 61 -22.95 29.42 -13.61
C ASN A 61 -23.49 28.01 -13.36
N VAL A 62 -23.52 27.21 -14.42
CA VAL A 62 -23.62 25.76 -14.29
C VAL A 62 -22.27 25.18 -14.69
N TYR A 63 -21.81 24.20 -13.94
CA TYR A 63 -20.53 23.55 -14.17
C TYR A 63 -20.78 22.19 -14.80
N ALA A 64 -20.25 21.97 -15.99
CA ALA A 64 -20.42 20.71 -16.71
C ALA A 64 -19.11 19.92 -16.65
N ASP A 65 -19.10 18.87 -15.83
CA ASP A 65 -17.98 17.93 -15.74
C ASP A 65 -18.28 16.71 -16.58
N SER A 66 -17.35 16.31 -17.43
CA SER A 66 -17.54 15.11 -18.21
C SER A 66 -16.30 14.23 -18.11
N PHE A 67 -16.51 12.92 -18.34
CA PHE A 67 -15.46 11.92 -18.32
C PHE A 67 -16.00 10.53 -18.67
N VAL A 68 -15.13 9.53 -18.69
CA VAL A 68 -15.52 8.15 -18.99
C VAL A 68 -15.08 7.23 -17.86
N ILE A 69 -16.02 6.36 -17.41
CA ILE A 69 -15.77 5.25 -16.51
C ILE A 69 -16.46 4.01 -17.08
N ARG A 70 -16.41 2.90 -16.34
CA ARG A 70 -17.14 1.70 -16.75
C ARG A 70 -18.50 1.63 -16.03
N GLY A 71 -19.42 0.87 -16.61
CA GLY A 71 -20.80 0.77 -16.11
C GLY A 71 -20.87 0.54 -14.62
N ASP A 72 -20.18 -0.48 -14.13
CA ASP A 72 -20.22 -0.78 -12.70
C ASP A 72 -19.76 0.42 -11.91
N GLU A 73 -18.98 1.30 -12.50
CA GLU A 73 -18.54 2.40 -11.67
C GLU A 73 -19.51 3.57 -11.64
N VAL A 74 -20.57 3.54 -12.45
CA VAL A 74 -21.46 4.70 -12.52
C VAL A 74 -22.11 4.99 -11.17
N ARG A 75 -22.43 3.93 -10.40
CA ARG A 75 -22.94 4.08 -9.02
C ARG A 75 -22.15 5.07 -8.18
N GLN A 76 -20.92 5.35 -8.57
CA GLN A 76 -20.08 6.03 -7.62
C GLN A 76 -20.14 7.54 -7.83
N ILE A 77 -20.82 7.96 -8.89
CA ILE A 77 -20.98 9.38 -9.21
C ILE A 77 -22.30 9.79 -8.58
N ALA A 78 -22.20 10.25 -7.34
CA ALA A 78 -23.32 10.45 -6.44
C ALA A 78 -22.75 10.97 -5.13
N PRO A 79 -23.51 11.72 -4.35
CA PRO A 79 -22.98 12.22 -3.07
C PRO A 79 -22.82 11.08 -2.07
N GLY A 80 -21.77 11.19 -1.24
CA GLY A 80 -21.46 10.19 -0.24
C GLY A 80 -21.30 8.76 -0.73
N GLN A 81 -20.50 8.54 -1.78
CA GLN A 81 -20.16 7.20 -2.25
C GLN A 81 -18.70 6.91 -1.92
N THR A 82 -18.32 5.65 -2.12
CA THR A 82 -16.96 5.24 -1.85
C THR A 82 -16.55 4.23 -2.91
N GLY A 83 -15.24 4.11 -3.15
CA GLY A 83 -14.68 3.22 -4.16
C GLY A 83 -13.57 3.91 -4.92
N LYS A 84 -12.95 3.17 -5.85
CA LYS A 84 -11.89 3.76 -6.67
C LYS A 84 -12.24 5.16 -7.14
N ILE A 85 -13.28 5.20 -7.98
CA ILE A 85 -13.59 6.40 -8.70
C ILE A 85 -13.98 7.51 -7.75
N ALA A 86 -14.83 7.21 -6.77
CA ALA A 86 -15.26 8.25 -5.86
C ALA A 86 -14.17 8.68 -4.89
N ASP A 87 -13.19 7.80 -4.59
CA ASP A 87 -12.15 8.10 -3.61
C ASP A 87 -10.96 8.82 -4.24
N TYR A 88 -10.56 8.41 -5.46
CA TYR A 88 -9.28 8.77 -6.03
C TYR A 88 -9.36 9.52 -7.36
N ASN A 89 -10.54 9.63 -7.99
CA ASN A 89 -10.64 10.29 -9.28
C ASN A 89 -11.62 11.46 -9.29
N TYR A 90 -12.89 11.25 -8.94
CA TYR A 90 -13.90 12.31 -9.02
C TYR A 90 -14.87 12.17 -7.86
N LYS A 91 -14.95 13.17 -7.01
CA LYS A 91 -15.69 13.07 -5.76
C LYS A 91 -16.76 14.15 -5.70
N LEU A 92 -18.02 13.72 -5.61
CA LEU A 92 -19.17 14.62 -5.41
C LEU A 92 -19.38 14.89 -3.93
N PRO A 93 -19.59 16.16 -3.51
CA PRO A 93 -19.86 16.46 -2.09
C PRO A 93 -21.25 15.98 -1.67
N ASP A 94 -21.62 16.13 -0.39
CA ASP A 94 -22.98 15.77 0.01
C ASP A 94 -24.00 16.89 -0.22
N ASP A 95 -23.58 18.15 -0.12
CA ASP A 95 -24.43 19.30 -0.40
C ASP A 95 -24.55 19.56 -1.91
N PHE A 96 -24.58 18.48 -2.71
CA PHE A 96 -24.49 18.56 -4.16
C PHE A 96 -25.81 19.05 -4.77
N THR A 97 -25.72 20.15 -5.51
CA THR A 97 -26.85 20.79 -6.14
C THR A 97 -26.70 20.69 -7.67
N GLY A 98 -27.18 19.59 -8.24
CA GLY A 98 -27.04 19.38 -9.67
C GLY A 98 -27.61 18.05 -10.11
N CYS A 99 -27.18 17.60 -11.30
CA CYS A 99 -27.64 16.34 -11.89
C CYS A 99 -26.44 15.52 -12.36
N VAL A 100 -26.69 14.23 -12.64
CA VAL A 100 -25.67 13.30 -13.09
C VAL A 100 -26.29 12.45 -14.20
N ILE A 101 -25.76 12.57 -15.42
CA ILE A 101 -26.28 11.89 -16.59
C ILE A 101 -25.20 10.96 -17.11
N ALA A 102 -25.58 9.78 -17.60
CA ALA A 102 -24.59 8.88 -18.17
C ALA A 102 -25.23 7.97 -19.22
N TRP A 103 -24.40 7.36 -20.06
CA TRP A 103 -24.91 6.46 -21.09
C TRP A 103 -23.79 5.56 -21.61
N ASN A 104 -24.15 4.32 -21.96
CA ASN A 104 -23.23 3.34 -22.53
C ASN A 104 -22.68 3.86 -23.87
N SER A 105 -21.36 3.90 -24.00
CA SER A 105 -20.70 4.42 -25.20
C SER A 105 -19.79 3.38 -25.82
N ASN A 106 -20.15 2.11 -25.70
CA ASN A 106 -19.33 1.04 -26.24
C ASN A 106 -19.03 1.27 -27.72
N ASN A 107 -19.93 1.97 -28.41
CA ASN A 107 -19.79 2.11 -29.85
C ASN A 107 -18.79 3.20 -30.21
N LEU A 108 -18.72 4.26 -29.41
CA LEU A 108 -17.70 5.29 -29.63
C LEU A 108 -16.36 4.92 -29.00
N ASP A 109 -16.38 4.40 -27.78
CA ASP A 109 -15.21 4.39 -26.92
C ASP A 109 -14.55 3.02 -26.82
N SER A 110 -14.92 2.08 -27.66
CA SER A 110 -14.33 0.74 -27.61
C SER A 110 -13.89 0.32 -28.99
N LYS A 111 -12.65 -0.13 -29.10
CA LYS A 111 -12.11 -0.77 -30.28
C LYS A 111 -11.93 -2.27 -29.99
N VAL A 112 -12.02 -3.08 -31.04
CA VAL A 112 -11.63 -4.49 -30.89
C VAL A 112 -10.13 -4.56 -30.67
N GLY A 113 -9.71 -5.38 -29.71
CA GLY A 113 -8.32 -5.39 -29.29
C GLY A 113 -7.94 -4.30 -28.30
N GLY A 114 -8.80 -3.32 -28.05
CA GLY A 114 -8.60 -2.36 -26.96
C GLY A 114 -8.44 -0.91 -27.32
N ASN A 115 -9.18 -0.06 -26.61
CA ASN A 115 -8.93 1.37 -26.55
C ASN A 115 -8.27 1.63 -25.20
N TYR A 116 -7.13 2.31 -25.23
CA TYR A 116 -6.38 2.58 -24.02
C TYR A 116 -6.29 4.06 -23.72
N ASN A 117 -7.10 4.89 -24.37
CA ASN A 117 -7.05 6.33 -24.12
C ASN A 117 -7.50 6.66 -22.72
N TYR A 118 -8.44 5.90 -22.18
CA TYR A 118 -9.11 6.24 -20.94
C TYR A 118 -8.37 5.61 -19.77
N LEU A 119 -7.98 6.44 -18.81
CA LEU A 119 -7.24 5.97 -17.65
C LEU A 119 -7.97 6.35 -16.36
N TYR A 120 -7.67 5.62 -15.30
CA TYR A 120 -8.18 5.94 -13.98
C TYR A 120 -7.03 5.90 -12.99
N ARG A 121 -7.17 6.70 -11.93
CA ARG A 121 -6.22 6.62 -10.83
C ARG A 121 -6.57 5.44 -9.94
N LEU A 122 -5.57 4.65 -9.57
CA LEU A 122 -5.79 3.44 -8.80
C LEU A 122 -5.29 3.54 -7.37
N PHE A 123 -4.22 4.30 -7.14
CA PHE A 123 -3.68 4.48 -5.81
C PHE A 123 -3.58 5.97 -5.50
N ARG A 124 -3.87 6.29 -4.25
CA ARG A 124 -3.59 7.62 -3.76
C ARG A 124 -3.48 7.51 -2.25
N LYS A 125 -2.77 8.48 -1.65
CA LYS A 125 -2.57 8.52 -0.20
C LYS A 125 -3.84 8.90 0.54
N SER A 126 -4.21 10.18 0.45
CA SER A 126 -5.47 10.67 0.99
C SER A 126 -6.59 10.48 -0.03
N ASN A 127 -7.83 10.58 0.45
CA ASN A 127 -8.98 10.58 -0.44
C ASN A 127 -9.18 11.96 -1.05
N LEU A 128 -9.92 11.99 -2.16
CA LEU A 128 -10.15 13.25 -2.85
C LEU A 128 -11.23 14.06 -2.14
N LYS A 129 -10.92 15.35 -1.89
CA LYS A 129 -11.90 16.32 -1.43
C LYS A 129 -12.74 16.79 -2.62
N PRO A 130 -14.11 16.89 -2.46
CA PRO A 130 -15.01 17.11 -3.60
C PRO A 130 -14.57 18.08 -4.68
N PHE A 131 -14.75 17.69 -5.94
CA PHE A 131 -14.39 18.47 -7.11
C PHE A 131 -12.89 18.73 -7.23
N GLU A 132 -12.06 17.96 -6.53
CA GLU A 132 -10.62 18.13 -6.66
C GLU A 132 -10.13 17.26 -7.81
N ARG A 133 -9.16 17.78 -8.53
CA ARG A 133 -8.58 17.12 -9.69
C ARG A 133 -7.15 16.79 -9.34
N ASP A 134 -6.78 15.51 -9.42
CA ASP A 134 -5.39 15.09 -9.26
C ASP A 134 -4.97 14.48 -10.58
N ILE A 135 -4.04 15.14 -11.27
CA ILE A 135 -3.45 14.63 -12.50
C ILE A 135 -1.97 14.31 -12.35
N SER A 136 -1.49 14.30 -11.11
CA SER A 136 -0.06 14.00 -10.82
C SER A 136 0.24 12.52 -11.14
N THR A 137 1.47 12.21 -11.56
CA THR A 137 1.85 10.86 -11.92
C THR A 137 3.00 10.36 -11.07
N GLU A 138 2.92 10.60 -9.74
CA GLU A 138 4.03 10.28 -8.87
C GLU A 138 3.95 8.79 -8.52
N ILE A 139 5.10 8.10 -8.48
CA ILE A 139 5.07 6.67 -8.16
C ILE A 139 4.55 6.47 -6.74
N TYR A 140 3.58 5.56 -6.57
CA TYR A 140 2.90 5.37 -5.29
C TYR A 140 3.63 4.35 -4.42
N GLN A 141 4.11 4.81 -3.27
CA GLN A 141 4.88 3.99 -2.33
C GLN A 141 3.91 3.24 -1.42
N ALA A 142 3.85 1.92 -1.56
CA ALA A 142 2.99 1.12 -0.69
C ALA A 142 3.71 0.55 0.54
N GLY A 143 5.04 0.66 0.62
CA GLY A 143 5.80 0.07 1.71
C GLY A 143 6.80 1.07 2.29
N SER A 144 7.59 0.57 3.25
CA SER A 144 8.51 1.46 3.97
C SER A 144 9.65 1.93 3.06
N THR A 145 10.01 1.11 2.07
CA THR A 145 11.14 1.42 1.21
C THR A 145 10.75 2.49 0.20
N PRO A 146 11.56 3.54 0.06
CA PRO A 146 11.22 4.60 -0.90
C PRO A 146 11.41 4.14 -2.34
N CYS A 147 10.69 4.80 -3.25
CA CYS A 147 10.62 4.40 -4.64
C CYS A 147 11.62 5.10 -5.55
N ASN A 148 11.97 6.36 -5.24
CA ASN A 148 12.87 7.17 -6.07
C ASN A 148 12.41 7.18 -7.53
N GLY A 149 11.14 7.47 -7.76
CA GLY A 149 10.61 7.52 -9.10
C GLY A 149 10.65 6.24 -9.93
N VAL A 150 10.95 5.09 -9.32
CA VAL A 150 11.10 3.85 -10.07
C VAL A 150 10.06 2.83 -9.57
N GLU A 151 9.72 1.88 -10.43
CA GLU A 151 8.43 1.21 -10.38
C GLU A 151 8.73 -0.22 -10.02
N GLY A 152 7.93 -0.83 -9.17
CA GLY A 152 8.25 -2.21 -8.84
C GLY A 152 7.54 -2.70 -7.61
N PHE A 153 8.20 -3.54 -6.82
CA PHE A 153 7.55 -4.07 -5.64
C PHE A 153 7.24 -2.93 -4.66
N ASN A 154 5.96 -2.82 -4.26
CA ASN A 154 5.42 -1.78 -3.37
C ASN A 154 5.62 -0.38 -3.92
N CYS A 155 5.79 -0.27 -5.23
CA CYS A 155 6.10 1.00 -5.90
C CYS A 155 5.35 0.98 -7.24
N TYR A 156 4.11 1.46 -7.24
CA TYR A 156 3.21 1.25 -8.37
C TYR A 156 2.92 2.56 -9.08
N PHE A 157 2.99 2.54 -10.41
CA PHE A 157 2.52 3.67 -11.18
C PHE A 157 1.04 3.88 -10.86
N PRO A 158 0.63 5.11 -10.54
CA PRO A 158 -0.70 5.30 -9.93
C PRO A 158 -1.87 5.33 -10.91
N LEU A 159 -1.65 5.19 -12.22
CA LEU A 159 -2.74 5.16 -13.19
C LEU A 159 -2.71 3.86 -13.99
N GLN A 160 -3.88 3.31 -14.26
CA GLN A 160 -4.00 2.19 -15.16
C GLN A 160 -5.02 2.53 -16.24
N SER A 161 -5.04 1.69 -17.27
CA SER A 161 -5.88 1.91 -18.42
C SER A 161 -7.03 0.90 -18.40
N TYR A 162 -8.27 1.39 -18.48
CA TYR A 162 -9.36 0.54 -18.94
C TYR A 162 -8.93 -0.10 -20.25
N GLY A 163 -9.29 -1.35 -20.44
CA GLY A 163 -9.03 -1.92 -21.75
C GLY A 163 -10.34 -2.11 -22.48
N PHE A 164 -10.81 -1.07 -23.16
CA PHE A 164 -12.20 -1.04 -23.61
C PHE A 164 -12.32 -1.75 -24.96
N GLN A 165 -12.73 -3.10 -24.91
CA GLN A 165 -13.10 -3.93 -26.05
C GLN A 165 -14.62 -3.98 -26.20
N PRO A 166 -15.16 -4.19 -27.41
CA PRO A 166 -16.59 -4.46 -27.51
C PRO A 166 -17.03 -5.72 -26.78
N THR A 167 -16.10 -6.65 -26.55
CA THR A 167 -16.46 -7.98 -26.06
C THR A 167 -16.97 -7.94 -24.62
N ASN A 168 -16.55 -6.92 -23.86
CA ASN A 168 -16.77 -6.86 -22.42
C ASN A 168 -18.26 -6.94 -22.06
N GLY A 169 -18.54 -7.54 -20.90
CA GLY A 169 -19.87 -7.42 -20.33
C GLY A 169 -20.22 -5.96 -20.05
N VAL A 170 -21.53 -5.69 -20.05
CA VAL A 170 -22.07 -4.32 -19.95
C VAL A 170 -21.48 -3.58 -18.76
N GLY A 171 -21.05 -4.29 -17.73
CA GLY A 171 -20.48 -3.61 -16.59
C GLY A 171 -19.10 -3.05 -16.83
N TYR A 172 -18.31 -3.73 -17.65
CA TYR A 172 -16.96 -3.27 -17.94
C TYR A 172 -16.88 -2.53 -19.26
N GLN A 173 -17.99 -2.08 -19.81
CA GLN A 173 -17.97 -1.37 -21.07
C GLN A 173 -17.90 0.13 -20.71
N PRO A 174 -17.49 1.00 -21.63
CA PRO A 174 -17.40 2.40 -21.25
C PRO A 174 -18.75 3.12 -21.16
N TYR A 175 -18.80 4.08 -20.23
CA TYR A 175 -19.96 4.94 -20.10
C TYR A 175 -19.51 6.39 -20.11
N ARG A 176 -20.17 7.23 -20.91
CA ARG A 176 -19.90 8.65 -20.89
C ARG A 176 -20.76 9.28 -19.81
N VAL A 177 -20.19 10.26 -19.09
CA VAL A 177 -20.81 10.81 -17.90
C VAL A 177 -20.71 12.32 -17.96
N VAL A 178 -21.82 12.99 -17.67
CA VAL A 178 -21.89 14.44 -17.56
C VAL A 178 -22.51 14.76 -16.21
N VAL A 179 -21.88 15.67 -15.48
CA VAL A 179 -22.33 16.07 -14.17
C VAL A 179 -22.60 17.56 -14.24
N LEU A 180 -23.87 17.94 -14.16
CA LEU A 180 -24.26 19.34 -14.10
C LEU A 180 -24.26 19.77 -12.64
N SER A 181 -23.54 20.86 -12.36
CA SER A 181 -23.35 21.35 -11.01
C SER A 181 -23.74 22.82 -11.02
N PHE A 182 -24.94 23.13 -10.54
CA PHE A 182 -25.46 24.48 -10.46
C PHE A 182 -25.00 25.15 -9.17
N GLU A 183 -24.94 26.49 -9.20
CA GLU A 183 -24.52 27.23 -7.99
C GLU A 183 -25.41 28.42 -7.55
N GLN B 1 -6.40 -6.37 18.89
CA GLN B 1 -4.94 -6.34 18.79
C GLN B 1 -4.35 -7.16 17.63
N VAL B 2 -3.28 -6.63 17.03
CA VAL B 2 -2.55 -7.30 15.97
C VAL B 2 -1.89 -8.57 16.47
N GLN B 3 -1.99 -9.63 15.69
CA GLN B 3 -1.40 -10.90 16.09
C GLN B 3 -1.00 -11.67 14.84
N LEU B 4 0.24 -12.13 14.80
CA LEU B 4 0.73 -12.97 13.70
C LEU B 4 1.06 -14.33 14.28
N VAL B 5 0.36 -15.37 13.82
CA VAL B 5 0.45 -16.69 14.43
C VAL B 5 0.90 -17.67 13.37
N GLN B 6 2.13 -18.15 13.50
CA GLN B 6 2.76 -19.06 12.53
C GLN B 6 2.46 -20.53 12.82
N SER B 7 2.54 -21.36 11.79
CA SER B 7 2.35 -22.78 11.98
C SER B 7 3.46 -23.35 12.89
N GLY B 8 3.22 -24.55 13.43
CA GLY B 8 4.12 -25.17 14.37
C GLY B 8 5.37 -25.79 13.74
N ALA B 9 6.24 -26.29 14.61
CA ALA B 9 7.57 -26.73 14.17
C ALA B 9 7.47 -27.91 13.22
N GLU B 10 8.49 -28.03 12.35
CA GLU B 10 8.50 -29.04 11.29
C GLU B 10 9.84 -29.75 11.25
N VAL B 11 9.78 -31.06 10.98
CA VAL B 11 10.95 -31.91 10.76
C VAL B 11 10.79 -32.60 9.43
N LYS B 12 11.79 -32.44 8.55
CA LYS B 12 11.71 -32.86 7.16
C LYS B 12 13.02 -33.50 6.71
N LYS B 13 12.92 -34.55 5.89
CA LYS B 13 14.12 -35.16 5.35
C LYS B 13 14.71 -34.24 4.30
N PRO B 14 16.03 -34.29 4.08
CA PRO B 14 16.61 -33.61 2.92
C PRO B 14 15.89 -34.00 1.65
N GLY B 15 15.50 -33.00 0.86
CA GLY B 15 14.72 -33.20 -0.34
C GLY B 15 13.24 -32.83 -0.23
N ALA B 16 12.66 -32.87 0.98
CA ALA B 16 11.24 -32.64 1.17
C ALA B 16 10.86 -31.18 0.88
N SER B 17 9.59 -30.86 1.17
CA SER B 17 9.09 -29.50 1.06
C SER B 17 8.37 -29.13 2.36
N VAL B 18 8.32 -27.84 2.63
CA VAL B 18 7.61 -27.36 3.80
C VAL B 18 6.90 -26.06 3.44
N LYS B 19 5.65 -25.95 3.84
CA LYS B 19 4.84 -24.76 3.56
C LYS B 19 4.40 -24.27 4.93
N ILE B 20 5.10 -23.29 5.45
CA ILE B 20 4.77 -22.78 6.78
C ILE B 20 3.84 -21.59 6.62
N SER B 21 2.86 -21.49 7.51
CA SER B 21 1.85 -20.47 7.35
C SER B 21 1.97 -19.45 8.45
N CYS B 22 1.25 -18.35 8.26
CA CYS B 22 1.26 -17.22 9.19
C CYS B 22 -0.14 -16.58 9.16
N LYS B 23 -0.98 -17.00 10.10
CA LYS B 23 -2.38 -16.51 10.20
C LYS B 23 -2.41 -15.17 10.96
N THR B 24 -2.85 -14.11 10.27
CA THR B 24 -2.98 -12.79 10.85
C THR B 24 -4.38 -12.55 11.37
N SER B 25 -4.48 -11.70 12.39
CA SER B 25 -5.75 -11.15 12.85
C SER B 25 -5.45 -9.80 13.46
N GLY B 26 -6.47 -8.96 13.58
CA GLY B 26 -6.37 -7.67 14.23
C GLY B 26 -6.41 -6.47 13.30
N TYR B 27 -6.28 -6.66 11.98
CA TYR B 27 -6.12 -5.51 11.09
C TYR B 27 -6.62 -5.88 9.70
N THR B 28 -6.69 -4.88 8.82
CA THR B 28 -7.05 -5.14 7.42
C THR B 28 -5.90 -5.91 6.74
N PHE B 29 -6.13 -7.18 6.44
CA PHE B 29 -5.03 -8.04 5.99
C PHE B 29 -4.42 -7.55 4.67
N THR B 30 -5.22 -7.03 3.74
CA THR B 30 -4.73 -6.78 2.38
C THR B 30 -3.97 -5.46 2.25
N GLU B 31 -3.90 -4.70 3.32
CA GLU B 31 -3.37 -3.36 3.31
C GLU B 31 -1.97 -3.26 3.91
N TYR B 32 -1.35 -4.39 4.25
CA TYR B 32 -0.05 -4.40 4.87
C TYR B 32 0.79 -5.48 4.23
N THR B 33 2.01 -5.13 3.89
CA THR B 33 2.91 -6.07 3.26
C THR B 33 3.44 -7.05 4.27
N MET B 34 3.75 -8.26 3.81
CA MET B 34 4.23 -9.32 4.68
C MET B 34 5.64 -9.72 4.25
N TYR B 35 6.57 -9.79 5.21
CA TYR B 35 7.95 -10.21 4.96
C TYR B 35 8.25 -11.51 5.68
N TRP B 36 9.28 -12.22 5.21
CA TRP B 36 9.76 -13.42 5.87
C TRP B 36 11.24 -13.27 6.19
N VAL B 37 11.60 -13.56 7.44
CA VAL B 37 12.93 -13.32 7.96
C VAL B 37 13.46 -14.65 8.46
N ARG B 38 14.65 -15.01 8.05
CA ARG B 38 15.25 -16.25 8.52
C ARG B 38 16.30 -15.94 9.56
N GLN B 39 16.48 -16.86 10.50
CA GLN B 39 17.55 -16.80 11.49
C GLN B 39 18.14 -18.21 11.53
N ALA B 40 19.19 -18.43 10.74
CA ALA B 40 19.87 -19.71 10.81
C ALA B 40 20.51 -19.84 12.18
N PRO B 41 20.70 -21.06 12.68
CA PRO B 41 21.10 -21.21 14.09
C PRO B 41 22.44 -20.53 14.33
N GLY B 42 22.47 -19.68 15.38
CA GLY B 42 23.58 -18.77 15.58
C GLY B 42 24.03 -18.09 14.28
N GLN B 43 23.20 -17.18 13.78
CA GLN B 43 23.55 -16.41 12.61
C GLN B 43 22.80 -15.09 12.60
N ARG B 44 23.19 -14.26 11.64
CA ARG B 44 22.55 -12.99 11.38
C ARG B 44 21.08 -13.22 11.03
N LEU B 45 20.26 -12.20 11.27
CA LEU B 45 18.92 -12.21 10.71
C LEU B 45 18.98 -11.91 9.23
N GLU B 46 18.17 -12.62 8.45
CA GLU B 46 18.20 -12.55 7.00
C GLU B 46 16.81 -12.33 6.43
N TRP B 47 16.65 -11.25 5.68
CA TRP B 47 15.40 -10.92 5.01
C TRP B 47 15.25 -11.77 3.76
N MET B 48 14.26 -12.65 3.75
CA MET B 48 14.07 -13.58 2.64
C MET B 48 13.28 -12.99 1.49
N GLY B 49 12.30 -12.15 1.77
CA GLY B 49 11.48 -11.58 0.71
C GLY B 49 10.20 -11.00 1.28
N GLY B 50 9.30 -10.61 0.37
CA GLY B 50 8.05 -10.02 0.80
C GLY B 50 6.95 -10.22 -0.23
N ILE B 51 5.73 -10.20 0.25
CA ILE B 51 4.57 -10.29 -0.62
C ILE B 51 3.61 -9.17 -0.24
N ASN B 52 3.00 -8.55 -1.26
CA ASN B 52 1.95 -7.57 -1.03
C ASN B 52 0.61 -8.25 -1.21
N PRO B 53 -0.20 -8.39 -0.18
CA PRO B 53 -1.40 -9.23 -0.29
C PRO B 53 -2.51 -8.62 -1.12
N ASN B 54 -2.46 -7.30 -1.40
CA ASN B 54 -3.46 -6.72 -2.28
C ASN B 54 -3.36 -7.29 -3.69
N GLN B 55 -2.15 -7.42 -4.19
CA GLN B 55 -1.95 -7.79 -5.60
C GLN B 55 -1.29 -9.14 -5.75
N GLY B 56 -0.67 -9.64 -4.70
CA GLY B 56 0.01 -10.95 -4.78
C GLY B 56 1.37 -10.83 -5.40
N ASP B 57 1.90 -9.60 -5.47
CA ASP B 57 3.25 -9.36 -6.05
C ASP B 57 4.31 -9.69 -5.00
N THR B 58 5.51 -10.07 -5.45
CA THR B 58 6.59 -10.42 -4.53
C THR B 58 7.93 -9.82 -4.94
N SER B 59 8.81 -9.72 -3.95
CA SER B 59 10.21 -9.32 -4.11
C SER B 59 11.02 -10.34 -3.31
N TYR B 60 12.02 -10.94 -3.88
CA TYR B 60 12.78 -11.91 -3.09
C TYR B 60 14.23 -11.49 -3.00
N ASN B 61 14.87 -11.92 -1.95
CA ASN B 61 16.31 -11.82 -1.82
C ASN B 61 16.91 -12.84 -2.77
N GLN B 62 17.86 -12.39 -3.63
CA GLN B 62 18.44 -13.31 -4.60
C GLN B 62 18.93 -14.62 -3.98
N LYS B 63 19.42 -14.57 -2.74
CA LYS B 63 19.89 -15.78 -2.07
C LYS B 63 18.79 -16.81 -1.90
N PHE B 64 17.53 -16.39 -1.85
CA PHE B 64 16.43 -17.25 -1.49
C PHE B 64 15.38 -17.41 -2.59
N LYS B 65 15.40 -16.57 -3.63
CA LYS B 65 14.58 -16.80 -4.83
C LYS B 65 14.76 -18.24 -5.28
N GLY B 66 13.68 -18.87 -5.70
CA GLY B 66 13.85 -20.21 -6.24
C GLY B 66 14.18 -21.28 -5.23
N ARG B 67 14.54 -20.92 -4.01
CA ARG B 67 14.39 -21.79 -2.85
C ARG B 67 13.02 -21.63 -2.21
N ALA B 68 12.57 -20.37 -2.09
CA ALA B 68 11.38 -19.96 -1.38
C ALA B 68 10.30 -19.48 -2.35
N THR B 69 9.04 -19.69 -1.98
CA THR B 69 7.90 -19.16 -2.73
C THR B 69 6.91 -18.53 -1.75
N LEU B 70 6.54 -17.28 -2.00
CA LEU B 70 5.67 -16.53 -1.11
C LEU B 70 4.29 -16.40 -1.76
N THR B 71 3.25 -16.81 -1.03
CA THR B 71 1.87 -16.66 -1.47
C THR B 71 1.03 -16.11 -0.32
N VAL B 72 -0.21 -15.75 -0.65
CA VAL B 72 -1.22 -15.48 0.37
C VAL B 72 -2.51 -16.14 -0.05
N ASP B 73 -3.39 -16.30 0.94
CA ASP B 73 -4.78 -16.68 0.76
C ASP B 73 -5.55 -15.58 1.46
N LYS B 74 -6.10 -14.65 0.68
CA LYS B 74 -6.88 -13.56 1.27
C LYS B 74 -8.05 -14.10 2.07
N SER B 75 -8.68 -15.17 1.57
CA SER B 75 -9.89 -15.66 2.23
C SER B 75 -9.58 -16.16 3.64
N ALA B 76 -8.35 -16.62 3.87
CA ALA B 76 -7.94 -17.08 5.18
C ALA B 76 -7.06 -16.06 5.92
N THR B 77 -6.98 -14.81 5.42
CA THR B 77 -6.02 -13.81 5.90
C THR B 77 -4.70 -14.45 6.32
N THR B 78 -4.14 -15.31 5.47
CA THR B 78 -2.97 -16.09 5.85
C THR B 78 -1.88 -15.92 4.80
N ALA B 79 -0.68 -15.58 5.26
CA ALA B 79 0.51 -15.61 4.39
C ALA B 79 1.18 -16.97 4.49
N TYR B 80 1.80 -17.40 3.38
CA TYR B 80 2.43 -18.70 3.31
C TYR B 80 3.81 -18.55 2.71
N MET B 81 4.72 -19.44 3.10
CA MET B 81 6.04 -19.52 2.49
C MET B 81 6.39 -20.97 2.30
N GLU B 82 6.72 -21.34 1.07
CA GLU B 82 7.07 -22.72 0.74
C GLU B 82 8.55 -22.77 0.44
N LEU B 83 9.26 -23.60 1.21
CA LEU B 83 10.67 -23.91 0.97
C LEU B 83 10.74 -25.26 0.26
N SER B 84 11.41 -25.28 -0.91
CA SER B 84 11.54 -26.50 -1.69
C SER B 84 12.96 -27.07 -1.62
N SER B 85 13.06 -28.38 -1.85
CA SER B 85 14.32 -29.11 -1.92
C SER B 85 15.22 -28.79 -0.72
N LEU B 86 14.78 -29.15 0.48
CA LEU B 86 15.48 -28.66 1.66
C LEU B 86 16.84 -29.33 1.79
N ARG B 87 17.85 -28.50 2.02
CA ARG B 87 19.19 -28.94 2.37
C ARG B 87 19.42 -28.72 3.85
N SER B 88 20.53 -29.22 4.38
CA SER B 88 20.70 -28.98 5.80
C SER B 88 21.02 -27.53 6.08
N GLU B 89 21.54 -26.76 5.12
CA GLU B 89 21.73 -25.34 5.40
C GLU B 89 20.43 -24.62 5.71
N ASP B 90 19.29 -25.26 5.47
CA ASP B 90 17.98 -24.65 5.64
C ASP B 90 17.40 -24.84 7.04
N THR B 91 18.01 -25.69 7.86
CA THR B 91 17.56 -25.79 9.24
C THR B 91 17.75 -24.44 9.95
N ALA B 92 16.64 -23.81 10.34
CA ALA B 92 16.63 -22.44 10.86
C ALA B 92 15.26 -22.16 11.49
N VAL B 93 15.13 -20.97 12.05
CA VAL B 93 13.84 -20.45 12.49
C VAL B 93 13.37 -19.45 11.46
N TYR B 94 12.08 -19.51 11.10
CA TYR B 94 11.50 -18.61 10.10
C TYR B 94 10.44 -17.74 10.74
N TYR B 95 10.54 -16.43 10.53
CA TYR B 95 9.61 -15.46 11.07
C TYR B 95 8.81 -14.85 9.95
N CYS B 96 7.54 -14.56 10.22
CA CYS B 96 6.81 -13.63 9.37
C CYS B 96 6.72 -12.31 10.10
N ALA B 97 6.82 -11.21 9.35
CA ALA B 97 6.72 -9.91 9.98
C ALA B 97 5.96 -8.96 9.06
N ARG B 98 5.32 -7.97 9.67
CA ARG B 98 4.42 -7.04 9.01
C ARG B 98 5.13 -5.71 8.75
N ASP B 99 5.04 -5.22 7.52
CA ASP B 99 5.43 -3.84 7.24
C ASP B 99 4.37 -2.91 7.81
N GLY B 100 4.73 -2.13 8.84
CA GLY B 100 3.77 -1.22 9.43
C GLY B 100 3.54 0.08 8.67
N TYR B 101 4.00 0.18 7.42
CA TYR B 101 3.83 1.41 6.64
C TYR B 101 2.36 1.60 6.31
N PRO B 102 1.85 2.85 6.37
CA PRO B 102 2.58 4.09 6.60
C PRO B 102 2.46 4.71 8.01
N TYR B 103 2.05 3.95 9.02
CA TYR B 103 1.97 4.54 10.36
C TYR B 103 3.26 4.34 11.14
N TYR B 104 3.91 3.18 10.98
CA TYR B 104 5.17 2.90 11.64
C TYR B 104 6.04 2.16 10.64
N PHE B 105 7.21 2.72 10.30
CA PHE B 105 8.02 2.11 9.25
C PHE B 105 8.58 0.75 9.70
N ALA B 106 9.03 -0.02 8.72
CA ALA B 106 9.72 -1.30 8.92
C ALA B 106 8.81 -2.33 9.58
N MET B 107 9.35 -3.36 10.21
CA MET B 107 8.51 -4.46 10.68
C MET B 107 8.04 -4.19 12.11
N ASP B 108 6.76 -3.79 12.25
CA ASP B 108 6.19 -3.42 13.54
C ASP B 108 5.52 -4.57 14.27
N TYR B 109 5.38 -5.74 13.66
CA TYR B 109 4.80 -6.91 14.33
C TYR B 109 5.43 -8.15 13.75
N TRP B 110 5.84 -9.08 14.61
CA TRP B 110 6.45 -10.32 14.17
C TRP B 110 5.60 -11.51 14.64
N GLY B 111 5.73 -12.61 13.98
CA GLY B 111 5.15 -13.83 14.48
C GLY B 111 6.05 -14.54 15.49
N GLN B 112 5.49 -15.54 16.16
CA GLN B 112 6.24 -16.39 17.10
C GLN B 112 7.45 -17.05 16.46
N GLY B 113 7.40 -17.31 15.17
CA GLY B 113 8.47 -18.01 14.48
C GLY B 113 8.23 -19.49 14.43
N THR B 114 8.74 -20.11 13.38
CA THR B 114 8.61 -21.55 13.14
C THR B 114 9.99 -22.15 12.96
N THR B 115 10.35 -23.12 13.80
CA THR B 115 11.61 -23.81 13.58
C THR B 115 11.38 -24.92 12.57
N VAL B 116 12.21 -24.91 11.53
CA VAL B 116 12.25 -25.96 10.52
C VAL B 116 13.60 -26.63 10.66
N THR B 117 13.60 -27.94 10.80
CA THR B 117 14.85 -28.63 11.10
C THR B 117 14.94 -29.86 10.21
N VAL B 118 16.04 -29.94 9.44
CA VAL B 118 16.20 -30.89 8.34
C VAL B 118 17.27 -31.91 8.72
N SER B 119 16.89 -33.19 8.80
CA SER B 119 17.89 -34.27 8.71
C SER B 119 17.29 -35.61 8.27
N SER B 135 26.90 -5.71 -3.91
CA SER B 135 26.10 -4.50 -4.08
C SER B 135 24.97 -4.41 -3.05
N ASP B 136 24.69 -5.53 -2.37
CA ASP B 136 23.79 -5.49 -1.22
C ASP B 136 24.34 -4.51 -0.19
N ILE B 137 23.43 -3.84 0.52
CA ILE B 137 23.81 -2.86 1.58
C ILE B 137 24.30 -3.66 2.80
N GLN B 138 25.57 -3.47 3.19
CA GLN B 138 26.16 -4.19 4.35
C GLN B 138 25.92 -3.41 5.63
N MET B 139 25.58 -4.11 6.73
CA MET B 139 25.33 -3.48 8.05
C MET B 139 26.26 -4.13 9.08
N THR B 140 27.15 -3.34 9.69
CA THR B 140 28.09 -3.87 10.67
C THR B 140 27.84 -3.18 12.00
N GLN B 141 27.80 -3.96 13.09
CA GLN B 141 27.57 -3.44 14.43
C GLN B 141 28.81 -3.59 15.29
N SER B 142 28.97 -2.65 16.24
CA SER B 142 30.00 -2.72 17.29
C SER B 142 29.42 -2.29 18.63
N PRO B 143 29.79 -2.97 19.72
CA PRO B 143 30.59 -4.20 19.63
C PRO B 143 29.71 -5.35 19.21
N SER B 144 30.27 -6.55 19.10
CA SER B 144 29.44 -7.71 18.84
C SER B 144 28.85 -8.28 20.10
N SER B 145 29.47 -7.98 21.24
CA SER B 145 29.14 -8.59 22.50
C SER B 145 29.43 -7.55 23.59
N LEU B 146 28.62 -7.53 24.63
CA LEU B 146 28.66 -6.42 25.57
C LEU B 146 28.18 -6.88 26.93
N SER B 147 28.84 -6.41 27.99
CA SER B 147 28.43 -6.77 29.35
C SER B 147 28.29 -5.51 30.18
N ALA B 148 27.13 -5.30 30.79
CA ALA B 148 26.87 -4.07 31.50
C ALA B 148 26.17 -4.33 32.83
N SER B 149 26.21 -3.33 33.70
CA SER B 149 25.58 -3.41 35.01
C SER B 149 24.29 -2.62 34.99
N VAL B 150 23.29 -3.10 35.74
CA VAL B 150 22.06 -2.34 35.90
C VAL B 150 22.42 -0.89 36.13
N GLY B 151 21.84 0.00 35.32
CA GLY B 151 22.03 1.43 35.45
C GLY B 151 23.07 2.08 34.55
N ASP B 152 23.97 1.31 33.93
CA ASP B 152 24.89 1.90 32.95
C ASP B 152 24.10 2.34 31.73
N ARG B 153 24.65 3.28 30.94
CA ARG B 153 24.03 3.44 29.64
C ARG B 153 24.83 2.49 28.77
N VAL B 154 24.18 1.87 27.77
CA VAL B 154 24.92 1.12 26.79
C VAL B 154 24.78 1.78 25.42
N THR B 155 25.83 1.67 24.62
CA THR B 155 25.89 2.27 23.30
C THR B 155 26.27 1.20 22.28
N ILE B 156 25.50 1.11 21.19
CA ILE B 156 25.72 0.14 20.12
C ILE B 156 25.69 0.90 18.81
N THR B 157 26.70 0.71 17.97
CA THR B 157 26.71 1.46 16.71
C THR B 157 26.53 0.53 15.53
N CYS B 158 26.08 1.13 14.44
CA CYS B 158 25.79 0.42 13.21
C CYS B 158 26.34 1.27 12.07
N LYS B 159 27.21 0.69 11.26
CA LYS B 159 27.81 1.35 10.12
C LYS B 159 27.24 0.70 8.87
N ALA B 160 26.65 1.52 7.99
CA ALA B 160 26.10 1.04 6.73
C ALA B 160 27.13 1.23 5.61
N SER B 161 27.27 0.22 4.77
CA SER B 161 28.27 0.27 3.70
C SER B 161 27.95 1.32 2.65
N GLN B 162 26.74 1.87 2.66
CA GLN B 162 26.29 2.86 1.69
C GLN B 162 25.30 3.76 2.40
N ASN B 163 24.92 4.85 1.75
CA ASN B 163 24.06 5.81 2.40
C ASN B 163 22.63 5.28 2.49
N VAL B 164 22.01 5.41 3.67
CA VAL B 164 20.65 4.92 3.89
C VAL B 164 19.73 5.98 4.49
N ASP B 165 20.15 7.24 4.44
CA ASP B 165 19.34 8.36 4.94
C ASP B 165 18.95 8.05 6.38
N THR B 166 17.67 7.97 6.72
CA THR B 166 17.24 7.57 8.05
C THR B 166 16.36 6.33 7.96
N ASN B 167 16.56 5.50 6.96
CA ASN B 167 15.74 4.30 6.78
C ASN B 167 16.40 3.12 7.47
N VAL B 168 16.55 3.28 8.78
CA VAL B 168 17.21 2.32 9.65
C VAL B 168 16.26 2.02 10.79
N ALA B 169 16.06 0.75 11.10
CA ALA B 169 15.29 0.33 12.26
C ALA B 169 16.17 -0.51 13.18
N TRP B 170 15.80 -0.57 14.47
CA TRP B 170 16.46 -1.44 15.44
C TRP B 170 15.44 -2.40 16.03
N TYR B 171 15.81 -3.66 16.18
CA TYR B 171 14.97 -4.64 16.85
C TYR B 171 15.70 -5.20 18.07
N GLN B 172 14.91 -5.72 19.00
CA GLN B 172 15.41 -6.38 20.20
C GLN B 172 14.90 -7.81 20.19
N GLN B 173 15.79 -8.76 20.42
CA GLN B 173 15.43 -10.18 20.47
C GLN B 173 15.80 -10.72 21.85
N LYS B 174 14.80 -10.80 22.74
CA LYS B 174 15.01 -11.37 24.06
C LYS B 174 15.28 -12.87 23.91
N PRO B 175 15.96 -13.47 24.89
CA PRO B 175 16.43 -14.86 24.70
C PRO B 175 15.26 -15.81 24.48
N GLY B 176 15.25 -16.46 23.33
CA GLY B 176 14.21 -17.42 23.02
C GLY B 176 12.92 -16.83 22.48
N LYS B 177 12.97 -15.64 21.90
CA LYS B 177 11.74 -15.02 21.41
C LYS B 177 11.98 -14.42 20.04
N ALA B 178 10.93 -13.91 19.46
CA ALA B 178 11.03 -13.27 18.17
C ALA B 178 11.58 -11.85 18.35
N PRO B 179 12.20 -11.29 17.32
CA PRO B 179 12.55 -9.87 17.38
C PRO B 179 11.30 -9.03 17.58
N LYS B 180 11.47 -7.92 18.29
CA LYS B 180 10.45 -6.92 18.55
C LYS B 180 11.04 -5.58 18.15
N GLY B 181 10.27 -4.77 17.44
CA GLY B 181 10.79 -3.49 17.02
C GLY B 181 11.01 -2.54 18.20
N LEU B 182 12.09 -1.78 18.13
CA LEU B 182 12.34 -0.71 19.09
C LEU B 182 12.30 0.67 18.44
N ILE B 183 13.07 0.84 17.37
CA ILE B 183 13.25 2.11 16.70
C ILE B 183 13.01 1.88 15.22
N TYR B 184 12.24 2.75 14.60
CA TYR B 184 12.18 2.86 13.16
C TYR B 184 12.60 4.27 12.77
N SER B 185 12.90 4.43 11.49
CA SER B 185 13.19 5.73 10.93
C SER B 185 14.31 6.39 11.73
N ALA B 186 15.25 5.54 12.18
CA ALA B 186 16.47 5.90 12.87
C ALA B 186 16.27 6.43 14.30
N SER B 187 15.23 7.23 14.57
CA SER B 187 15.12 7.82 15.90
C SER B 187 13.75 7.79 16.54
N SER B 188 12.74 7.19 15.89
CA SER B 188 11.38 7.14 16.42
C SER B 188 11.12 5.80 17.05
N ARG B 189 10.41 5.81 18.18
CA ARG B 189 10.14 4.60 18.96
C ARG B 189 8.85 3.96 18.51
N TYR B 190 8.84 2.64 18.44
CA TYR B 190 7.59 1.94 18.17
C TYR B 190 6.62 2.12 19.35
N SER B 191 5.36 1.78 19.10
CA SER B 191 4.34 1.95 20.12
C SER B 191 4.68 1.13 21.36
N GLY B 192 4.68 1.80 22.52
CA GLY B 192 4.91 1.10 23.76
C GLY B 192 6.37 0.85 24.12
N VAL B 193 7.30 1.15 23.22
CA VAL B 193 8.71 0.88 23.53
C VAL B 193 9.15 1.76 24.69
N PRO B 194 9.88 1.20 25.67
CA PRO B 194 10.35 2.01 26.82
C PRO B 194 11.17 3.21 26.36
N SER B 195 11.00 4.35 27.05
CA SER B 195 11.69 5.57 26.63
C SER B 195 13.21 5.52 26.86
N ARG B 196 13.74 4.49 27.51
CA ARG B 196 15.19 4.46 27.73
C ARG B 196 15.94 4.11 26.44
N PHE B 197 15.26 3.54 25.46
CA PHE B 197 15.87 3.25 24.17
C PHE B 197 15.72 4.47 23.26
N SER B 198 16.82 5.07 22.85
CA SER B 198 16.69 6.08 21.82
C SER B 198 17.69 5.80 20.70
N GLY B 199 17.28 6.12 19.48
CA GLY B 199 18.13 5.87 18.34
C GLY B 199 18.59 7.19 17.76
N SER B 200 19.61 7.12 16.94
CA SER B 200 20.31 8.34 16.54
C SER B 200 21.07 8.06 15.25
N GLY B 201 21.37 9.14 14.53
CA GLY B 201 22.31 9.06 13.43
C GLY B 201 21.62 9.19 12.08
N SER B 202 22.46 9.28 11.07
CA SER B 202 22.01 9.67 9.74
C SER B 202 23.04 9.24 8.70
N GLY B 203 22.55 8.91 7.52
CA GLY B 203 23.43 8.62 6.40
C GLY B 203 24.07 7.27 6.44
N THR B 204 25.06 7.10 7.30
CA THR B 204 25.80 5.84 7.30
C THR B 204 26.17 5.38 8.70
N ASP B 205 26.00 6.22 9.72
CA ASP B 205 26.40 5.92 11.09
C ASP B 205 25.18 6.09 12.00
N PHE B 206 24.82 5.01 12.68
CA PHE B 206 23.66 4.97 13.54
C PHE B 206 24.08 4.42 14.90
N THR B 207 23.42 4.92 15.95
CA THR B 207 23.73 4.42 17.29
C THR B 207 22.40 4.14 18.01
N LEU B 208 22.38 3.06 18.79
CA LEU B 208 21.30 2.79 19.73
C LEU B 208 21.83 2.98 21.14
N THR B 209 21.09 3.70 21.98
CA THR B 209 21.49 3.99 23.36
C THR B 209 20.41 3.49 24.29
N ILE B 210 20.80 2.67 25.27
CA ILE B 210 19.92 2.26 26.37
C ILE B 210 20.38 2.96 27.64
N SER B 211 19.49 3.74 28.28
CA SER B 211 20.00 4.79 29.17
C SER B 211 20.18 4.35 30.62
N SER B 212 19.25 3.59 31.18
CA SER B 212 19.47 3.10 32.55
C SER B 212 19.10 1.64 32.48
N VAL B 213 20.07 0.82 32.10
CA VAL B 213 19.75 -0.50 31.63
C VAL B 213 19.13 -1.31 32.76
N GLN B 214 18.06 -2.01 32.44
CA GLN B 214 17.35 -2.85 33.40
C GLN B 214 17.61 -4.31 33.11
N PRO B 215 17.56 -5.17 34.12
CA PRO B 215 17.80 -6.61 33.88
C PRO B 215 17.04 -7.18 32.69
N GLU B 216 15.84 -6.70 32.41
CA GLU B 216 15.03 -7.25 31.32
C GLU B 216 15.58 -6.89 29.95
N ASP B 217 16.56 -6.00 29.87
CA ASP B 217 17.13 -5.64 28.59
C ASP B 217 18.10 -6.67 28.05
N LEU B 218 18.38 -7.72 28.83
CA LEU B 218 19.13 -8.89 28.35
C LEU B 218 18.55 -9.37 27.04
N ALA B 219 19.25 -9.15 25.94
CA ALA B 219 18.69 -9.38 24.61
C ALA B 219 19.83 -9.27 23.61
N THR B 220 19.55 -9.69 22.38
CA THR B 220 20.43 -9.37 21.26
C THR B 220 19.75 -8.30 20.42
N TYR B 221 20.52 -7.28 20.00
CA TYR B 221 19.96 -6.10 19.35
C TYR B 221 20.49 -6.01 17.91
N PHE B 222 19.59 -5.77 16.96
CA PHE B 222 19.95 -5.74 15.54
C PHE B 222 19.56 -4.43 14.89
N CYS B 223 20.46 -3.85 14.11
CA CYS B 223 19.99 -2.80 13.23
C CYS B 223 19.56 -3.39 11.89
N GLN B 224 18.89 -2.56 11.11
CA GLN B 224 18.33 -2.92 9.81
C GLN B 224 18.21 -1.68 8.95
N GLN B 225 18.57 -1.79 7.68
CA GLN B 225 18.26 -0.77 6.68
C GLN B 225 17.09 -1.23 5.82
N TYR B 226 16.23 -0.29 5.45
CA TYR B 226 15.13 -0.56 4.52
C TYR B 226 15.14 0.49 3.41
N ASN B 227 16.33 0.99 3.08
CA ASN B 227 16.52 1.99 2.04
C ASN B 227 16.29 1.42 0.63
N THR B 228 16.65 0.16 0.39
CA THR B 228 16.26 -0.58 -0.81
C THR B 228 16.20 -2.08 -0.53
N TYR B 229 15.56 -2.76 -1.46
CA TYR B 229 15.50 -4.22 -1.45
C TYR B 229 16.79 -4.78 -2.04
N PRO B 230 17.32 -5.87 -1.48
CA PRO B 230 16.89 -6.56 -0.26
C PRO B 230 17.17 -5.79 1.03
N TRP B 231 16.26 -5.89 2.00
CA TRP B 231 16.55 -5.37 3.33
C TRP B 231 17.69 -6.19 3.94
N THR B 232 18.54 -5.53 4.72
CA THR B 232 19.63 -6.24 5.37
C THR B 232 19.73 -5.87 6.84
N PHE B 233 20.21 -6.83 7.63
CA PHE B 233 20.40 -6.71 9.08
C PHE B 233 21.89 -6.70 9.45
N GLY B 234 22.17 -6.11 10.63
CA GLY B 234 23.47 -6.22 11.23
C GLY B 234 23.67 -7.61 11.84
N GLN B 235 24.89 -7.90 12.28
CA GLN B 235 25.14 -9.25 12.77
C GLN B 235 24.56 -9.48 14.17
N GLY B 236 24.14 -8.43 14.84
CA GLY B 236 23.63 -8.53 16.19
C GLY B 236 24.67 -8.16 17.23
N THR B 237 24.18 -7.59 18.34
CA THR B 237 25.03 -7.18 19.49
C THR B 237 24.43 -7.80 20.75
N LYS B 238 25.09 -8.84 21.28
CA LYS B 238 24.62 -9.53 22.51
C LYS B 238 24.83 -8.60 23.71
N VAL B 239 23.81 -8.40 24.53
CA VAL B 239 23.92 -7.48 25.70
C VAL B 239 23.62 -8.27 26.98
N GLU B 240 24.67 -8.55 27.78
CA GLU B 240 24.50 -9.30 29.05
C GLU B 240 24.42 -8.32 30.22
N ILE B 241 23.49 -8.55 31.15
CA ILE B 241 23.32 -7.67 32.30
C ILE B 241 23.78 -8.40 33.54
N LYS B 242 24.85 -7.91 34.17
CA LYS B 242 25.25 -8.41 35.49
C LYS B 242 24.26 -7.99 36.55
N ALA B 243 24.02 -8.86 37.52
CA ALA B 243 23.17 -8.46 38.64
C ALA B 243 24.00 -8.29 39.91
#